data_6AGJ
#
_entry.id   6AGJ
#
_cell.length_a   72.363
_cell.length_b   72.363
_cell.length_c   339.751
_cell.angle_alpha   90.00
_cell.angle_beta   90.00
_cell.angle_gamma   90.00
#
_symmetry.space_group_name_H-M   'P 41 21 2'
#
loop_
_entity.id
_entity.type
_entity.pdbx_description
1 polymer 'Calcium uptake protein 3, mitochondrial'
2 water water
#
_entity_poly.entity_id   1
_entity_poly.type   'polypeptide(L)'
_entity_poly.pdbx_seq_one_letter_code
;GSTDIEDLDLYATSRERRFRLFASIECEGQLFMTPYDFILAVTTDEPKVAKTWKSLSKQELNQMLAETPPVWKGSSKLFR
NLKEKGVISYTEYLFLLCILTKPHAGFRIAFNMFDTDGNEMVDKKEFLVLQEIFRKKNEKREIKGDEEKRAMLRLQLYGY
HSPTNSVLKTDAEELVSRSYWDTLRRNTSQALFSDLAERADDITSLVTDTTLLVHFFGKKGKAELNFEDFYRFMDNLQTE
VLEIEFLSYSNGMNTISEEDFAHILLRYTNVENTSVFLENVRYSIPEEKGITFDEFRSFFQFLNNLEDFAIALNMYNFAS
RSIGQDEFKRAVYVATGLKFSPHLVNTVFKIFDVDKDDQLSYKEFIGIMKDRLHRGFRGYKT
;
_entity_poly.pdbx_strand_id   A,B
#
# COMPACT_ATOMS: atom_id res chain seq x y z
N LEU A 8 18.08 22.43 -13.94
CA LEU A 8 17.14 23.54 -13.88
C LEU A 8 16.41 23.64 -15.21
N ASP A 9 15.42 22.77 -15.44
CA ASP A 9 14.83 22.60 -16.77
C ASP A 9 13.35 23.02 -16.77
N LEU A 10 13.11 24.27 -17.13
CA LEU A 10 11.79 24.84 -17.43
C LEU A 10 11.35 24.56 -18.87
N TYR A 11 12.23 23.94 -19.69
CA TYR A 11 12.08 23.64 -21.12
C TYR A 11 11.28 22.39 -21.49
N ALA A 12 10.81 21.59 -20.53
CA ALA A 12 10.18 20.31 -20.77
C ALA A 12 8.68 20.34 -20.44
N THR A 13 7.91 19.48 -21.11
CA THR A 13 6.48 19.41 -20.81
C THR A 13 6.18 18.59 -19.55
N SER A 14 4.91 18.71 -19.11
CA SER A 14 4.41 18.05 -17.88
C SER A 14 4.79 16.58 -17.81
N ARG A 15 4.38 15.82 -18.84
CA ARG A 15 4.57 14.38 -18.88
C ARG A 15 6.05 14.02 -18.79
N GLU A 16 6.85 14.63 -19.68
CA GLU A 16 8.29 14.44 -19.65
C GLU A 16 8.91 14.75 -18.27
N ARG A 17 8.57 15.92 -17.67
CA ARG A 17 9.00 16.29 -16.31
C ARG A 17 8.77 15.11 -15.36
N ARG A 18 7.53 14.57 -15.41
CA ARG A 18 7.21 13.44 -14.56
C ARG A 18 8.18 12.29 -14.78
N PHE A 19 8.37 11.92 -16.05
CA PHE A 19 9.23 10.79 -16.40
C PHE A 19 10.60 10.93 -15.76
N ARG A 20 11.22 12.10 -15.94
CA ARG A 20 12.50 12.34 -15.31
C ARG A 20 12.37 12.25 -13.79
N LEU A 21 11.25 12.73 -13.26
CA LEU A 21 11.08 12.73 -11.81
C LEU A 21 11.16 11.31 -11.24
N PHE A 22 10.56 10.34 -11.94
CA PHE A 22 10.62 8.95 -11.50
C PHE A 22 11.81 8.17 -12.05
N ALA A 23 12.44 8.64 -13.12
CA ALA A 23 13.49 7.85 -13.75
C ALA A 23 14.65 7.63 -12.79
N SER A 24 15.36 6.52 -12.98
CA SER A 24 16.43 6.13 -12.07
C SER A 24 17.76 5.79 -12.74
N ILE A 25 17.79 5.63 -14.06
CA ILE A 25 19.04 5.27 -14.74
C ILE A 25 19.41 6.35 -15.74
N GLU A 26 20.70 6.67 -15.81
CA GLU A 26 21.30 7.38 -16.92
C GLU A 26 22.34 6.46 -17.53
N CYS A 27 22.26 6.25 -18.85
CA CYS A 27 23.24 5.50 -19.62
C CYS A 27 23.57 6.31 -20.85
N GLU A 28 24.85 6.60 -21.05
CA GLU A 28 25.34 7.54 -22.05
C GLU A 28 24.36 8.70 -22.28
N GLY A 29 24.03 9.41 -21.19
CA GLY A 29 23.22 10.61 -21.25
C GLY A 29 21.73 10.40 -21.26
N GLN A 30 21.23 9.21 -21.57
CA GLN A 30 19.79 9.06 -21.66
C GLN A 30 19.26 8.55 -20.34
N LEU A 31 18.00 8.86 -20.05
CA LEU A 31 17.34 8.50 -18.81
C LEU A 31 16.35 7.36 -19.03
N PHE A 32 16.09 6.62 -17.96
CA PHE A 32 15.31 5.39 -18.04
C PHE A 32 14.64 5.09 -16.71
N MET A 33 13.39 4.62 -16.80
CA MET A 33 12.73 3.97 -15.70
C MET A 33 13.18 2.49 -15.63
N THR A 34 13.23 1.95 -14.42
CA THR A 34 13.16 0.50 -14.30
C THR A 34 11.71 0.08 -14.47
N PRO A 35 11.45 -1.19 -14.74
CA PRO A 35 10.10 -1.71 -14.45
C PRO A 35 9.54 -1.25 -13.11
N TYR A 36 10.32 -1.37 -12.04
CA TYR A 36 9.83 -0.92 -10.74
C TYR A 36 9.48 0.57 -10.76
N ASP A 37 10.34 1.38 -11.39
CA ASP A 37 10.02 2.80 -11.45
C ASP A 37 8.71 3.03 -12.20
N PHE A 38 8.45 2.25 -13.26
CA PHE A 38 7.21 2.46 -14.00
C PHE A 38 5.98 2.11 -13.15
N ILE A 39 6.00 0.95 -12.46
CA ILE A 39 4.86 0.65 -11.59
C ILE A 39 4.68 1.75 -10.56
N LEU A 40 5.78 2.25 -9.99
CA LEU A 40 5.67 3.40 -9.09
C LEU A 40 4.97 4.56 -9.80
N ALA A 41 5.49 4.93 -10.97
CA ALA A 41 4.97 6.05 -11.74
C ALA A 41 3.48 5.97 -11.99
N VAL A 42 2.93 4.76 -12.14
CA VAL A 42 1.49 4.62 -12.39
C VAL A 42 0.69 4.23 -11.16
N THR A 43 1.34 4.17 -9.99
CA THR A 43 0.65 3.85 -8.75
C THR A 43 0.78 4.93 -7.69
N THR A 44 1.79 5.78 -7.79
CA THR A 44 2.19 6.70 -6.75
C THR A 44 2.12 8.12 -7.25
N ASP A 45 1.99 9.06 -6.33
CA ASP A 45 1.91 10.43 -6.78
C ASP A 45 3.29 11.04 -6.95
N GLU A 46 4.21 10.78 -6.01
CA GLU A 46 5.59 11.24 -6.06
C GLU A 46 6.51 10.06 -5.74
N PRO A 47 7.74 10.06 -6.25
CA PRO A 47 8.66 8.95 -6.00
C PRO A 47 9.27 8.98 -4.60
N LYS A 48 9.88 7.86 -4.25
CA LYS A 48 10.63 7.76 -3.02
C LYS A 48 11.94 8.53 -3.11
N VAL A 49 12.67 8.39 -4.22
CA VAL A 49 13.83 9.21 -4.50
C VAL A 49 13.59 9.93 -5.81
N ALA A 50 13.71 11.24 -5.80
CA ALA A 50 13.31 12.09 -6.91
C ALA A 50 14.55 12.49 -7.68
N LYS A 51 14.39 12.59 -9.00
CA LYS A 51 15.40 13.15 -9.89
C LYS A 51 16.82 12.75 -9.56
N THR A 52 17.02 11.48 -9.22
CA THR A 52 18.33 10.93 -8.94
C THR A 52 18.59 9.75 -9.88
N TRP A 53 19.62 9.88 -10.74
CA TRP A 53 19.93 8.88 -11.76
C TRP A 53 21.20 8.16 -11.36
N LYS A 54 21.13 6.85 -11.17
CA LYS A 54 22.37 6.10 -11.11
C LYS A 54 22.91 5.93 -12.52
N SER A 55 24.19 6.19 -12.70
CA SER A 55 24.81 6.07 -14.01
C SER A 55 25.34 4.65 -14.19
N LEU A 56 25.15 4.11 -15.39
CA LEU A 56 25.59 2.77 -15.70
C LEU A 56 26.42 2.79 -16.98
N SER A 57 27.27 1.78 -17.08
CA SER A 57 28.05 1.58 -18.28
C SER A 57 27.17 0.94 -19.34
N LYS A 58 27.56 1.13 -20.61
CA LYS A 58 26.82 0.56 -21.71
C LYS A 58 26.65 -0.93 -21.47
N GLN A 59 27.75 -1.54 -21.00
CA GLN A 59 27.86 -2.96 -20.63
C GLN A 59 27.04 -3.31 -19.40
N GLU A 60 27.15 -2.51 -18.34
CA GLU A 60 26.30 -2.76 -17.18
C GLU A 60 24.86 -2.91 -17.67
N LEU A 61 24.45 -2.06 -18.62
CA LEU A 61 23.09 -2.11 -19.16
C LEU A 61 22.82 -3.38 -19.96
N ASN A 62 23.61 -3.62 -21.03
CA ASN A 62 23.58 -4.91 -21.73
C ASN A 62 23.45 -6.08 -20.76
N GLN A 63 24.35 -6.15 -19.79
CA GLN A 63 24.32 -7.27 -18.85
C GLN A 63 22.97 -7.34 -18.16
N MET A 64 22.52 -6.19 -17.64
CA MET A 64 21.18 -6.01 -17.09
C MET A 64 20.11 -6.63 -17.98
N LEU A 65 20.19 -6.35 -19.27
CA LEU A 65 19.19 -6.79 -20.24
C LEU A 65 19.26 -8.28 -20.52
N ALA A 66 20.47 -8.85 -20.53
CA ALA A 66 20.62 -10.20 -21.06
C ALA A 66 19.82 -11.22 -20.25
N GLU A 67 19.40 -10.86 -19.03
CA GLU A 67 18.60 -11.75 -18.21
C GLU A 67 17.10 -11.43 -18.32
N THR A 68 16.67 -10.86 -19.48
CA THR A 68 15.26 -10.57 -19.75
C THR A 68 14.54 -11.85 -20.21
N PRO A 69 13.35 -12.13 -19.70
CA PRO A 69 12.62 -13.32 -20.15
C PRO A 69 12.15 -13.15 -21.59
N PRO A 70 11.98 -14.25 -22.32
CA PRO A 70 11.42 -14.16 -23.67
C PRO A 70 9.92 -13.95 -23.59
N VAL A 71 9.34 -13.49 -24.70
CA VAL A 71 7.96 -13.04 -24.69
C VAL A 71 7.03 -14.12 -24.19
N TRP A 72 7.37 -15.38 -24.44
CA TRP A 72 6.48 -16.46 -24.06
C TRP A 72 6.56 -16.83 -22.58
N LYS A 73 7.47 -16.24 -21.82
CA LYS A 73 7.47 -16.40 -20.37
C LYS A 73 6.86 -15.17 -19.71
N GLY A 74 6.15 -14.35 -20.51
CA GLY A 74 5.47 -13.20 -19.99
C GLY A 74 4.29 -13.63 -19.17
N SER A 75 3.85 -12.75 -18.30
CA SER A 75 2.83 -13.15 -17.33
C SER A 75 2.30 -11.88 -16.69
N SER A 76 1.24 -12.04 -15.92
CA SER A 76 0.75 -11.00 -15.04
C SER A 76 1.74 -10.68 -13.92
N LYS A 77 2.95 -11.22 -13.94
CA LYS A 77 3.93 -10.87 -12.91
C LYS A 77 5.28 -10.50 -13.51
N LEU A 78 5.31 -10.13 -14.78
CA LEU A 78 6.55 -9.80 -15.48
C LEU A 78 7.31 -8.66 -14.80
N PHE A 79 6.62 -7.53 -14.61
CA PHE A 79 7.29 -6.35 -14.09
C PHE A 79 7.66 -6.51 -12.61
N ARG A 80 6.77 -7.07 -11.79
CA ARG A 80 7.12 -7.31 -10.40
C ARG A 80 8.35 -8.22 -10.31
N ASN A 81 8.46 -9.22 -11.20
CA ASN A 81 9.60 -10.13 -11.16
C ASN A 81 10.89 -9.45 -11.63
N LEU A 82 10.79 -8.63 -12.65
CA LEU A 82 11.97 -7.93 -13.16
C LEU A 82 12.42 -6.89 -12.18
N LYS A 83 11.45 -6.14 -11.69
CA LYS A 83 11.71 -5.08 -10.74
C LYS A 83 12.78 -4.13 -11.26
N GLU A 84 13.79 -3.97 -10.43
CA GLU A 84 14.94 -3.11 -10.65
C GLU A 84 15.81 -3.43 -11.86
N LYS A 85 15.86 -4.65 -12.35
CA LYS A 85 16.90 -4.98 -13.33
C LYS A 85 16.31 -4.86 -14.74
N GLY A 86 16.09 -3.63 -15.17
CA GLY A 86 15.47 -3.41 -16.46
C GLY A 86 15.36 -1.93 -16.79
N VAL A 87 15.12 -1.66 -18.07
CA VAL A 87 15.23 -0.34 -18.67
C VAL A 87 13.98 0.00 -19.47
N ILE A 88 13.45 1.22 -19.30
CA ILE A 88 12.25 1.63 -20.03
C ILE A 88 12.45 3.06 -20.54
N SER A 89 12.45 3.23 -21.87
CA SER A 89 12.57 4.52 -22.54
C SER A 89 11.35 5.42 -22.27
N TYR A 90 11.56 6.74 -22.39
CA TYR A 90 10.47 7.71 -22.21
C TYR A 90 9.36 7.52 -23.25
N THR A 91 9.73 7.32 -24.52
CA THR A 91 8.73 6.90 -25.51
C THR A 91 8.02 5.63 -25.06
N GLU A 92 8.79 4.63 -24.59
CA GLU A 92 8.16 3.37 -24.17
C GLU A 92 7.25 3.59 -22.98
N TYR A 93 7.62 4.53 -22.12
CA TYR A 93 6.73 4.98 -21.05
C TYR A 93 5.41 5.48 -21.62
N LEU A 94 5.45 6.30 -22.67
CA LEU A 94 4.16 6.77 -23.19
C LEU A 94 3.39 5.65 -23.85
N PHE A 95 4.11 4.73 -24.47
CA PHE A 95 3.49 3.56 -25.07
C PHE A 95 2.74 2.76 -24.01
N LEU A 96 3.40 2.50 -22.87
CA LEU A 96 2.78 1.71 -21.83
C LEU A 96 1.60 2.43 -21.19
N LEU A 97 1.73 3.74 -20.98
CA LEU A 97 0.59 4.53 -20.53
C LEU A 97 -0.59 4.36 -21.47
N CYS A 98 -0.35 4.39 -22.79
CA CYS A 98 -1.45 4.17 -23.73
C CYS A 98 -2.07 2.81 -23.50
N ILE A 99 -1.23 1.77 -23.38
CA ILE A 99 -1.81 0.44 -23.17
C ILE A 99 -2.68 0.43 -21.93
N LEU A 100 -2.32 1.21 -20.91
CA LEU A 100 -3.12 1.16 -19.68
C LEU A 100 -4.43 1.93 -19.78
N THR A 101 -4.46 3.03 -20.52
CA THR A 101 -5.56 3.98 -20.36
C THR A 101 -6.58 3.94 -21.48
N LYS A 102 -6.14 3.66 -22.68
CA LYS A 102 -6.95 3.76 -23.88
C LYS A 102 -7.56 2.41 -24.22
N PRO A 103 -8.59 2.40 -25.06
CA PRO A 103 -9.30 1.15 -25.33
C PRO A 103 -8.52 0.22 -26.26
N HIS A 104 -8.83 -1.07 -26.12
CA HIS A 104 -8.09 -2.12 -26.83
C HIS A 104 -8.08 -1.91 -28.35
N ALA A 105 -9.11 -1.23 -28.87
CA ALA A 105 -9.35 -1.10 -30.30
C ALA A 105 -8.15 -0.52 -31.05
N GLY A 106 -7.75 0.69 -30.66
CA GLY A 106 -6.73 1.41 -31.41
C GLY A 106 -5.48 0.60 -31.67
N PHE A 107 -5.14 -0.29 -30.74
CA PHE A 107 -3.94 -1.11 -30.88
C PHE A 107 -4.10 -2.17 -31.97
N ARG A 108 -5.25 -2.85 -31.97
CA ARG A 108 -5.54 -3.86 -32.98
C ARG A 108 -5.56 -3.20 -34.36
N ILE A 109 -6.18 -2.01 -34.46
CA ILE A 109 -6.19 -1.30 -35.75
C ILE A 109 -4.78 -0.93 -36.19
N ALA A 110 -4.01 -0.24 -35.32
CA ALA A 110 -2.72 0.25 -35.80
C ALA A 110 -1.75 -0.89 -36.09
N PHE A 111 -1.86 -1.98 -35.31
CA PHE A 111 -1.01 -3.12 -35.61
C PHE A 111 -1.36 -3.73 -36.96
N ASN A 112 -2.65 -3.98 -37.20
CA ASN A 112 -3.04 -4.49 -38.51
C ASN A 112 -2.59 -3.54 -39.62
N MET A 113 -2.62 -2.23 -39.35
CA MET A 113 -2.26 -1.29 -40.39
C MET A 113 -0.78 -1.44 -40.74
N PHE A 114 0.08 -1.68 -39.75
CA PHE A 114 1.50 -1.87 -40.04
C PHE A 114 1.86 -3.29 -40.48
N ASP A 115 0.90 -4.21 -40.53
CA ASP A 115 1.22 -5.57 -40.92
C ASP A 115 0.89 -5.74 -42.40
N THR A 116 1.74 -5.12 -43.20
CA THR A 116 1.98 -5.52 -44.58
C THR A 116 2.86 -6.77 -44.58
N ASP A 117 4.06 -6.62 -44.02
CA ASP A 117 4.96 -7.72 -43.64
C ASP A 117 4.59 -8.31 -42.27
N GLY A 118 4.44 -9.63 -42.24
CA GLY A 118 4.06 -10.36 -41.05
C GLY A 118 3.99 -11.84 -41.34
N ASN A 119 2.77 -12.37 -41.53
CA ASN A 119 1.61 -11.53 -41.32
C ASN A 119 0.92 -11.95 -40.04
N GLU A 120 0.30 -10.94 -39.45
CA GLU A 120 0.10 -10.83 -38.00
C GLU A 120 1.41 -11.05 -37.24
N MET A 121 2.54 -10.63 -37.84
CA MET A 121 3.81 -10.47 -37.12
C MET A 121 4.38 -9.10 -37.47
N VAL A 122 5.14 -8.55 -36.53
CA VAL A 122 5.79 -7.28 -36.79
C VAL A 122 7.30 -7.40 -36.55
N ASP A 123 8.03 -6.67 -37.37
CA ASP A 123 9.47 -6.49 -37.34
C ASP A 123 9.85 -5.57 -36.18
N LYS A 124 11.11 -5.65 -35.74
CA LYS A 124 11.62 -4.68 -34.76
C LYS A 124 11.47 -3.25 -35.29
N LYS A 125 11.81 -3.04 -36.57
CA LYS A 125 11.75 -1.70 -37.16
C LYS A 125 10.33 -1.19 -37.26
N GLU A 126 9.41 -2.04 -37.72
CA GLU A 126 8.01 -1.63 -37.79
C GLU A 126 7.51 -1.19 -36.42
N PHE A 127 7.80 -1.99 -35.39
CA PHE A 127 7.39 -1.63 -34.03
C PHE A 127 8.01 -0.31 -33.58
N LEU A 128 9.28 -0.07 -33.92
CA LEU A 128 9.89 1.20 -33.57
C LEU A 128 9.10 2.37 -34.15
N VAL A 129 8.72 2.26 -35.42
CA VAL A 129 8.01 3.38 -36.03
C VAL A 129 6.63 3.51 -35.41
N LEU A 130 5.87 2.40 -35.38
CA LEU A 130 4.53 2.38 -34.80
C LEU A 130 4.51 3.03 -33.42
N GLN A 131 5.51 2.72 -32.60
CA GLN A 131 5.58 3.29 -31.26
C GLN A 131 5.83 4.79 -31.30
N GLU A 132 6.71 5.26 -32.21
CA GLU A 132 6.90 6.71 -32.34
C GLU A 132 5.63 7.43 -32.81
N ILE A 133 4.77 6.75 -33.57
CA ILE A 133 3.48 7.34 -33.95
C ILE A 133 2.64 7.67 -32.72
N PHE A 134 2.50 6.70 -31.81
CA PHE A 134 1.73 6.87 -30.57
C PHE A 134 2.26 8.02 -29.73
N ARG A 135 3.53 8.37 -29.90
CA ARG A 135 4.11 9.45 -29.12
C ARG A 135 3.53 10.79 -29.56
N LYS A 136 3.43 11.02 -30.89
CA LYS A 136 2.94 12.29 -31.42
C LYS A 136 1.53 12.60 -30.91
N LYS A 137 0.70 11.58 -30.80
CA LYS A 137 -0.63 11.70 -30.21
C LYS A 137 -0.59 11.85 -28.66
N ALA A 151 6.47 35.38 -33.80
CA ALA A 151 6.58 36.52 -34.70
C ALA A 151 5.97 37.76 -34.07
N MET A 152 4.81 37.57 -33.42
CA MET A 152 4.17 38.70 -32.75
C MET A 152 5.01 39.16 -31.58
N LEU A 153 5.66 38.21 -30.91
CA LEU A 153 6.61 38.55 -29.86
C LEU A 153 7.76 39.39 -30.39
N ARG A 154 8.18 39.19 -31.63
CA ARG A 154 9.15 40.13 -32.20
C ARG A 154 8.56 41.53 -32.33
N LEU A 155 7.28 41.62 -32.70
CA LEU A 155 6.62 42.93 -32.86
C LEU A 155 6.57 43.70 -31.56
N GLN A 156 6.32 43.01 -30.44
CA GLN A 156 6.14 43.68 -29.15
C GLN A 156 7.44 44.27 -28.63
N LEU A 157 8.57 43.61 -28.93
CA LEU A 157 9.89 43.97 -28.44
C LEU A 157 10.55 45.04 -29.27
N TYR A 158 10.35 44.99 -30.58
CA TYR A 158 10.96 45.92 -31.49
C TYR A 158 9.87 46.31 -32.50
N VAL A 207 16.42 3.01 -30.14
CA VAL A 207 17.72 2.72 -30.73
C VAL A 207 18.56 1.92 -29.71
N THR A 208 18.72 2.43 -28.49
CA THR A 208 19.38 1.66 -27.44
C THR A 208 18.37 0.65 -26.91
N ASP A 209 18.84 -0.58 -26.70
CA ASP A 209 17.94 -1.67 -26.37
C ASP A 209 17.35 -1.50 -24.97
N THR A 210 16.13 -1.99 -24.79
CA THR A 210 15.36 -1.83 -23.57
C THR A 210 14.71 -3.16 -23.26
N THR A 211 14.24 -3.33 -22.03
CA THR A 211 13.58 -4.60 -21.71
C THR A 211 12.55 -4.95 -22.76
N LEU A 212 11.64 -4.02 -23.10
CA LEU A 212 10.58 -4.33 -24.06
C LEU A 212 11.12 -4.82 -25.39
N LEU A 213 12.17 -4.20 -25.92
CA LEU A 213 12.67 -4.60 -27.23
C LEU A 213 13.30 -5.98 -27.20
N VAL A 214 14.04 -6.29 -26.15
CA VAL A 214 14.59 -7.64 -26.02
C VAL A 214 13.48 -8.66 -25.82
N HIS A 215 12.48 -8.31 -24.99
CA HIS A 215 11.36 -9.20 -24.70
C HIS A 215 10.61 -9.54 -25.99
N PHE A 216 10.33 -8.54 -26.80
CA PHE A 216 9.53 -8.73 -27.99
C PHE A 216 10.32 -9.29 -29.16
N PHE A 217 11.62 -8.97 -29.28
CA PHE A 217 12.39 -9.36 -30.47
C PHE A 217 13.68 -10.11 -30.18
N GLY A 218 13.89 -10.60 -28.96
CA GLY A 218 15.12 -11.31 -28.65
C GLY A 218 16.32 -10.38 -28.48
N LYS A 219 17.50 -11.01 -28.36
CA LYS A 219 18.68 -10.29 -27.90
C LYS A 219 19.32 -9.47 -29.01
N LYS A 220 19.38 -10.02 -30.22
CA LYS A 220 19.88 -9.24 -31.34
C LYS A 220 18.74 -8.74 -32.22
N GLY A 221 17.54 -8.63 -31.66
CA GLY A 221 16.46 -7.89 -32.30
C GLY A 221 15.91 -8.46 -33.58
N LYS A 222 16.10 -9.76 -33.82
CA LYS A 222 15.76 -10.32 -35.12
C LYS A 222 14.46 -11.12 -35.12
N ALA A 223 13.87 -11.37 -33.95
CA ALA A 223 12.58 -12.05 -33.87
C ALA A 223 11.45 -11.13 -34.36
N GLU A 224 10.32 -11.77 -34.66
CA GLU A 224 9.09 -11.09 -35.02
C GLU A 224 8.05 -11.31 -33.92
N LEU A 225 7.19 -10.30 -33.71
CA LEU A 225 6.25 -10.33 -32.59
C LEU A 225 4.85 -10.67 -33.11
N ASN A 226 4.33 -11.83 -32.68
CA ASN A 226 2.97 -12.22 -33.05
C ASN A 226 1.98 -11.26 -32.42
N PHE A 227 0.88 -11.03 -33.12
CA PHE A 227 -0.14 -10.14 -32.58
C PHE A 227 -0.76 -10.71 -31.33
N GLU A 228 -1.08 -12.01 -31.32
CA GLU A 228 -1.69 -12.52 -30.11
C GLU A 228 -0.74 -12.47 -28.91
N ASP A 229 0.56 -12.71 -29.15
CA ASP A 229 1.53 -12.54 -28.06
C ASP A 229 1.47 -11.13 -27.53
N PHE A 230 1.57 -10.14 -28.42
CA PHE A 230 1.58 -8.77 -27.96
C PHE A 230 0.27 -8.44 -27.26
N TYR A 231 -0.82 -8.98 -27.75
CA TYR A 231 -2.09 -8.65 -27.16
C TYR A 231 -2.20 -9.20 -25.75
N ARG A 232 -1.61 -10.36 -25.52
CA ARG A 232 -1.66 -10.81 -24.16
C ARG A 232 -0.61 -10.10 -23.31
N PHE A 233 0.45 -9.55 -23.91
CA PHE A 233 1.28 -8.61 -23.15
C PHE A 233 0.44 -7.47 -22.63
N MET A 234 -0.34 -6.82 -23.51
CA MET A 234 -1.26 -5.77 -23.09
C MET A 234 -2.13 -6.23 -21.93
N ASP A 235 -2.77 -7.39 -22.09
CA ASP A 235 -3.62 -7.86 -21.00
C ASP A 235 -2.85 -8.04 -19.70
N ASN A 236 -1.65 -8.62 -19.79
CA ASN A 236 -0.84 -8.87 -18.61
C ASN A 236 -0.51 -7.57 -17.90
N LEU A 237 0.00 -6.58 -18.64
CA LEU A 237 0.32 -5.32 -18.00
C LEU A 237 -0.91 -4.76 -17.28
N GLN A 238 -2.08 -4.82 -17.95
CA GLN A 238 -3.27 -4.28 -17.31
C GLN A 238 -3.61 -5.02 -16.03
N THR A 239 -3.45 -6.35 -16.04
CA THR A 239 -3.79 -7.13 -14.86
C THR A 239 -2.79 -6.92 -13.74
N GLU A 240 -1.49 -6.74 -14.08
CA GLU A 240 -0.47 -6.45 -13.08
C GLU A 240 -0.80 -5.16 -12.34
N VAL A 241 -1.03 -4.06 -13.07
CA VAL A 241 -1.35 -2.82 -12.39
C VAL A 241 -2.62 -2.96 -11.56
N LEU A 242 -3.66 -3.57 -12.12
CA LEU A 242 -4.86 -3.79 -11.32
C LEU A 242 -4.57 -4.60 -10.04
N GLU A 243 -3.79 -5.68 -10.15
CA GLU A 243 -3.48 -6.49 -8.98
C GLU A 243 -2.76 -5.66 -7.93
N ILE A 244 -1.86 -4.79 -8.36
CA ILE A 244 -1.13 -3.98 -7.41
C ILE A 244 -2.07 -3.03 -6.67
N GLU A 245 -2.99 -2.37 -7.40
CA GLU A 245 -3.98 -1.55 -6.71
C GLU A 245 -4.84 -2.38 -5.75
N PHE A 246 -5.33 -3.52 -6.23
CA PHE A 246 -6.21 -4.36 -5.43
C PHE A 246 -5.52 -4.84 -4.17
N LEU A 247 -4.24 -5.20 -4.29
CA LEU A 247 -3.47 -5.63 -3.14
C LEU A 247 -3.35 -4.47 -2.15
N SER A 248 -2.93 -3.30 -2.64
CA SER A 248 -2.95 -2.05 -1.88
C SER A 248 -4.12 -2.07 -0.92
N TYR A 249 -5.31 -2.43 -1.40
CA TYR A 249 -6.40 -2.39 -0.43
C TYR A 249 -6.63 -3.71 0.31
N SER A 250 -6.22 -4.85 -0.25
CA SER A 250 -6.66 -6.12 0.32
C SER A 250 -5.68 -6.71 1.31
N ASN A 251 -4.46 -6.17 1.38
CA ASN A 251 -3.36 -6.71 2.17
C ASN A 251 -3.35 -8.23 2.09
N GLY A 252 -3.60 -8.76 0.90
CA GLY A 252 -3.49 -10.17 0.63
C GLY A 252 -4.76 -10.98 0.73
N MET A 253 -5.87 -10.40 1.15
CA MET A 253 -7.04 -11.25 1.29
C MET A 253 -7.79 -11.38 -0.05
N ASN A 254 -8.84 -12.24 -0.06
CA ASN A 254 -9.54 -12.56 -1.31
C ASN A 254 -10.40 -11.43 -1.81
N THR A 255 -10.92 -10.63 -0.91
CA THR A 255 -11.87 -9.62 -1.29
C THR A 255 -11.42 -8.28 -0.76
N ILE A 256 -12.10 -7.22 -1.21
CA ILE A 256 -12.02 -5.90 -0.61
C ILE A 256 -13.43 -5.43 -0.26
N SER A 257 -13.51 -4.46 0.63
CA SER A 257 -14.79 -3.94 1.08
C SER A 257 -15.38 -2.92 0.09
N GLU A 258 -16.71 -2.77 0.16
CA GLU A 258 -17.43 -1.65 -0.43
C GLU A 258 -16.64 -0.35 -0.26
N GLU A 259 -16.18 -0.08 0.97
CA GLU A 259 -15.44 1.14 1.21
C GLU A 259 -14.15 1.16 0.42
N ASP A 260 -13.44 0.04 0.37
CA ASP A 260 -12.24 -0.03 -0.46
C ASP A 260 -12.57 0.35 -1.90
N PHE A 261 -13.50 -0.39 -2.51
CA PHE A 261 -13.96 -0.10 -3.86
C PHE A 261 -14.25 1.39 -4.05
N ALA A 262 -15.16 1.94 -3.24
CA ALA A 262 -15.53 3.34 -3.36
C ALA A 262 -14.29 4.23 -3.34
N HIS A 263 -13.38 3.96 -2.39
CA HIS A 263 -12.20 4.79 -2.27
C HIS A 263 -11.36 4.74 -3.54
N ILE A 264 -11.30 3.57 -4.18
CA ILE A 264 -10.54 3.44 -5.43
C ILE A 264 -11.18 4.28 -6.53
N LEU A 265 -12.51 4.20 -6.65
CA LEU A 265 -13.19 4.92 -7.71
C LEU A 265 -13.11 6.43 -7.50
N LEU A 266 -13.50 6.89 -6.32
CA LEU A 266 -13.61 8.31 -6.02
C LEU A 266 -12.28 8.96 -5.73
N ARG A 267 -11.20 8.17 -5.66
CA ARG A 267 -9.91 8.64 -5.15
C ARG A 267 -9.41 9.88 -5.89
N TYR A 268 -9.84 10.08 -7.15
CA TYR A 268 -9.37 11.18 -7.98
C TYR A 268 -10.49 12.15 -8.34
N THR A 269 -11.43 12.34 -7.42
CA THR A 269 -12.62 13.15 -7.66
C THR A 269 -12.71 14.31 -6.67
N ASN A 270 -13.41 15.37 -7.12
CA ASN A 270 -13.73 16.53 -6.29
C ASN A 270 -14.26 16.12 -4.93
N VAL A 271 -13.70 16.72 -3.88
CA VAL A 271 -13.88 16.24 -2.51
C VAL A 271 -15.30 16.51 -1.99
N GLU A 272 -16.04 17.39 -2.65
CA GLU A 272 -17.47 17.52 -2.36
C GLU A 272 -18.22 16.20 -2.61
N ASN A 273 -18.18 15.72 -3.85
CA ASN A 273 -18.87 14.48 -4.23
C ASN A 273 -18.33 13.29 -3.46
N THR A 274 -17.01 13.20 -3.36
CA THR A 274 -16.39 12.15 -2.55
C THR A 274 -16.93 12.16 -1.13
N SER A 275 -17.09 13.34 -0.54
CA SER A 275 -17.76 13.40 0.75
C SER A 275 -19.10 12.66 0.74
N VAL A 276 -20.03 13.07 -0.13
CA VAL A 276 -21.37 12.44 -0.04
C VAL A 276 -21.31 10.92 -0.21
N PHE A 277 -20.58 10.42 -1.23
CA PHE A 277 -20.65 8.99 -1.54
C PHE A 277 -19.99 8.14 -0.46
N LEU A 278 -18.80 8.55 0.00
CA LEU A 278 -18.11 7.80 1.05
C LEU A 278 -18.94 7.78 2.32
N GLU A 279 -19.62 8.88 2.67
CA GLU A 279 -20.49 8.75 3.82
C GLU A 279 -21.68 7.88 3.50
N ASN A 280 -22.05 7.76 2.23
CA ASN A 280 -23.13 6.85 1.90
C ASN A 280 -22.73 5.41 2.20
N VAL A 281 -21.52 5.00 1.82
CA VAL A 281 -21.15 3.61 2.10
C VAL A 281 -20.88 3.41 3.59
N ARG A 282 -20.32 4.41 4.28
CA ARG A 282 -20.02 4.18 5.69
C ARG A 282 -21.29 4.10 6.52
N TYR A 283 -22.33 4.84 6.14
CA TYR A 283 -23.57 4.86 6.90
C TYR A 283 -24.51 3.72 6.53
N SER A 284 -24.33 3.09 5.38
CA SER A 284 -25.31 2.16 4.83
C SER A 284 -25.26 0.78 5.50
N ILE A 285 -26.19 -0.07 5.08
CA ILE A 285 -26.33 -1.45 5.55
C ILE A 285 -25.02 -2.16 5.25
N PRO A 286 -24.59 -3.11 6.08
CA PRO A 286 -23.29 -3.75 5.85
C PRO A 286 -23.33 -4.72 4.68
N GLU A 287 -22.21 -4.80 3.99
CA GLU A 287 -22.07 -5.75 2.91
C GLU A 287 -22.01 -7.17 3.47
N GLU A 288 -22.48 -8.14 2.68
CA GLU A 288 -22.42 -9.52 3.14
C GLU A 288 -21.08 -10.18 2.79
N LYS A 289 -20.54 -9.88 1.61
CA LYS A 289 -19.24 -10.34 1.13
C LYS A 289 -18.55 -9.17 0.45
N GLY A 290 -17.38 -9.42 -0.12
CA GLY A 290 -16.57 -8.39 -0.73
C GLY A 290 -16.48 -8.56 -2.24
N ILE A 291 -15.61 -7.76 -2.84
CA ILE A 291 -15.38 -7.83 -4.27
C ILE A 291 -14.16 -8.71 -4.47
N THR A 292 -14.32 -9.80 -5.23
CA THR A 292 -13.18 -10.58 -5.68
C THR A 292 -12.34 -9.76 -6.64
N PHE A 293 -11.10 -10.19 -6.85
CA PHE A 293 -10.28 -9.58 -7.89
C PHE A 293 -10.94 -9.67 -9.27
N ASP A 294 -11.69 -10.74 -9.55
CA ASP A 294 -12.29 -10.84 -10.87
C ASP A 294 -13.36 -9.78 -11.08
N GLU A 295 -14.25 -9.58 -10.10
CA GLU A 295 -15.22 -8.50 -10.24
C GLU A 295 -14.50 -7.16 -10.35
N PHE A 296 -13.42 -7.00 -9.61
CA PHE A 296 -12.60 -5.80 -9.73
C PHE A 296 -12.16 -5.57 -11.18
N ARG A 297 -11.48 -6.57 -11.75
CA ARG A 297 -10.88 -6.38 -13.06
C ARG A 297 -11.96 -6.21 -14.13
N SER A 298 -13.04 -6.97 -14.03
CA SER A 298 -14.15 -6.73 -14.94
C SER A 298 -14.54 -5.26 -14.91
N PHE A 299 -14.75 -4.71 -13.70
CA PHE A 299 -15.18 -3.32 -13.62
C PHE A 299 -14.17 -2.37 -14.29
N PHE A 300 -12.87 -2.64 -14.14
CA PHE A 300 -11.97 -1.69 -14.80
C PHE A 300 -11.85 -1.88 -16.31
N GLN A 301 -12.05 -3.09 -16.82
CA GLN A 301 -12.25 -3.24 -18.26
C GLN A 301 -13.41 -2.38 -18.75
N PHE A 302 -14.56 -2.50 -18.06
CA PHE A 302 -15.68 -1.63 -18.41
C PHE A 302 -15.25 -0.17 -18.43
N LEU A 303 -14.39 0.23 -17.47
CA LEU A 303 -13.89 1.61 -17.50
C LEU A 303 -13.10 1.92 -18.76
N ASN A 304 -12.39 0.94 -19.33
CA ASN A 304 -11.78 1.24 -20.61
C ASN A 304 -12.81 1.50 -21.71
N ASN A 305 -13.97 0.83 -21.67
CA ASN A 305 -14.97 1.05 -22.72
C ASN A 305 -16.15 1.95 -22.31
N LEU A 306 -15.89 2.85 -21.35
CA LEU A 306 -16.89 3.79 -20.89
C LEU A 306 -17.53 4.58 -22.03
N GLU A 307 -16.73 4.95 -23.05
CA GLU A 307 -17.28 5.74 -24.16
C GLU A 307 -18.45 5.03 -24.81
N ASP A 308 -18.26 3.78 -25.20
CA ASP A 308 -19.34 3.03 -25.81
C ASP A 308 -20.47 2.76 -24.84
N PHE A 309 -20.18 2.63 -23.53
CA PHE A 309 -21.27 2.51 -22.57
C PHE A 309 -22.17 3.75 -22.60
N ALA A 310 -21.56 4.94 -22.62
CA ALA A 310 -22.33 6.16 -22.75
C ALA A 310 -23.14 6.15 -24.04
N ILE A 311 -22.48 5.81 -25.15
CA ILE A 311 -23.07 5.74 -26.50
C ILE A 311 -24.37 4.96 -26.44
N ALA A 312 -24.25 3.77 -25.84
CA ALA A 312 -25.36 2.84 -25.73
C ALA A 312 -26.47 3.39 -24.84
N LEU A 313 -26.09 4.10 -23.76
CA LEU A 313 -27.10 4.67 -22.89
C LEU A 313 -27.84 5.80 -23.56
N ASN A 314 -27.23 6.37 -24.60
CA ASN A 314 -27.90 7.42 -25.37
C ASN A 314 -29.03 6.86 -26.21
N MET A 315 -28.76 5.85 -27.05
CA MET A 315 -29.86 5.27 -27.83
C MET A 315 -30.91 4.58 -26.95
N TYR A 316 -30.55 4.12 -25.75
CA TYR A 316 -31.59 3.77 -24.78
C TYR A 316 -31.77 5.21 -24.31
N ASN A 317 -32.52 5.96 -25.12
CA ASN A 317 -32.91 7.35 -24.91
C ASN A 317 -34.12 7.54 -23.99
N PHE A 318 -34.69 8.76 -23.82
CA PHE A 318 -34.35 10.05 -24.48
C PHE A 318 -34.18 11.22 -23.51
N ALA A 319 -34.56 10.99 -22.26
CA ALA A 319 -34.76 12.06 -21.31
C ALA A 319 -33.69 12.10 -20.22
N SER A 320 -32.50 11.54 -20.49
CA SER A 320 -31.49 11.35 -19.46
C SER A 320 -32.13 10.79 -18.18
N ARG A 321 -32.91 9.72 -18.38
CA ARG A 321 -33.61 9.05 -17.29
C ARG A 321 -32.59 8.38 -16.33
N SER A 322 -33.12 7.69 -15.33
CA SER A 322 -32.29 6.98 -14.35
C SER A 322 -32.48 5.47 -14.51
N ILE A 323 -31.41 4.73 -14.27
CA ILE A 323 -31.29 3.31 -14.63
C ILE A 323 -31.44 2.42 -13.40
N GLY A 324 -32.18 1.31 -13.56
CA GLY A 324 -32.21 0.31 -12.52
C GLY A 324 -31.10 -0.74 -12.70
N GLN A 325 -31.00 -1.63 -11.71
CA GLN A 325 -29.91 -2.60 -11.69
C GLN A 325 -29.97 -3.55 -12.89
N ASP A 326 -31.13 -4.15 -13.16
CA ASP A 326 -31.22 -5.07 -14.29
C ASP A 326 -30.96 -4.33 -15.60
N GLU A 327 -31.53 -3.13 -15.72
CA GLU A 327 -31.14 -2.19 -16.76
C GLU A 327 -29.63 -1.99 -16.83
N PHE A 328 -29.02 -1.54 -15.73
CA PHE A 328 -27.59 -1.18 -15.75
C PHE A 328 -26.74 -2.38 -16.14
N LYS A 329 -27.09 -3.55 -15.61
CA LYS A 329 -26.40 -4.78 -15.95
C LYS A 329 -26.49 -5.05 -17.45
N ARG A 330 -27.71 -5.04 -17.99
CA ARG A 330 -27.90 -5.24 -19.43
C ARG A 330 -27.06 -4.24 -20.24
N ALA A 331 -27.14 -2.95 -19.89
CA ALA A 331 -26.38 -1.91 -20.57
C ALA A 331 -24.88 -2.24 -20.61
N VAL A 332 -24.32 -2.64 -19.47
CA VAL A 332 -22.91 -3.04 -19.44
C VAL A 332 -22.65 -4.14 -20.45
N TYR A 333 -23.45 -5.21 -20.38
CA TYR A 333 -23.21 -6.35 -21.27
C TYR A 333 -23.20 -5.92 -22.72
N VAL A 334 -24.31 -5.35 -23.17
CA VAL A 334 -24.48 -4.95 -24.56
C VAL A 334 -23.34 -4.06 -25.02
N ALA A 335 -23.06 -3.00 -24.27
CA ALA A 335 -22.09 -2.02 -24.72
C ALA A 335 -20.64 -2.46 -24.57
N THR A 336 -20.36 -3.56 -23.88
CA THR A 336 -18.96 -3.94 -23.63
C THR A 336 -18.69 -5.43 -23.68
N GLY A 337 -19.71 -6.28 -23.73
CA GLY A 337 -19.50 -7.70 -23.70
C GLY A 337 -19.35 -8.30 -22.34
N LEU A 338 -19.14 -7.52 -21.28
CA LEU A 338 -18.88 -8.11 -19.97
C LEU A 338 -20.17 -8.33 -19.20
N LYS A 339 -20.21 -9.44 -18.47
CA LYS A 339 -21.36 -9.76 -17.64
C LYS A 339 -20.92 -9.60 -16.19
N PHE A 340 -21.35 -8.49 -15.59
CA PHE A 340 -21.08 -8.26 -14.19
C PHE A 340 -21.85 -9.25 -13.32
N SER A 341 -21.21 -9.65 -12.22
CA SER A 341 -21.81 -10.16 -11.00
C SER A 341 -23.10 -9.42 -10.67
N PRO A 342 -24.17 -10.11 -10.30
CA PRO A 342 -25.25 -9.39 -9.60
C PRO A 342 -24.71 -8.59 -8.42
N HIS A 343 -23.75 -9.19 -7.73
CA HIS A 343 -23.17 -8.57 -6.55
C HIS A 343 -22.39 -7.31 -6.91
N LEU A 344 -21.57 -7.36 -7.96
CA LEU A 344 -20.84 -6.17 -8.39
C LEU A 344 -21.81 -5.02 -8.67
N VAL A 345 -22.87 -5.29 -9.45
CA VAL A 345 -23.86 -4.28 -9.76
C VAL A 345 -24.46 -3.71 -8.48
N ASN A 346 -24.90 -4.60 -7.59
CA ASN A 346 -25.45 -4.15 -6.32
C ASN A 346 -24.46 -3.25 -5.59
N THR A 347 -23.18 -3.57 -5.69
CA THR A 347 -22.19 -2.79 -4.96
C THR A 347 -22.09 -1.40 -5.55
N VAL A 348 -22.08 -1.30 -6.89
CA VAL A 348 -22.18 0.00 -7.56
C VAL A 348 -23.34 0.81 -7.01
N PHE A 349 -24.52 0.20 -6.97
CA PHE A 349 -25.68 0.97 -6.56
C PHE A 349 -25.58 1.42 -5.11
N LYS A 350 -25.03 0.57 -4.24
CA LYS A 350 -24.84 0.98 -2.84
C LYS A 350 -23.85 2.12 -2.75
N ILE A 351 -22.80 2.11 -3.55
CA ILE A 351 -21.87 3.24 -3.49
C ILE A 351 -22.58 4.53 -3.90
N PHE A 352 -23.28 4.50 -5.05
CA PHE A 352 -23.61 5.72 -5.77
C PHE A 352 -25.06 6.18 -5.67
N ASP A 353 -26.01 5.27 -5.43
CA ASP A 353 -27.38 5.71 -5.44
C ASP A 353 -27.75 6.79 -4.43
N VAL A 354 -27.35 6.65 -3.18
CA VAL A 354 -27.66 7.67 -2.18
C VAL A 354 -29.17 7.86 -2.21
N ASP A 355 -29.87 6.78 -2.53
CA ASP A 355 -31.32 6.81 -2.64
C ASP A 355 -31.78 7.90 -3.60
N LYS A 356 -31.08 8.00 -4.72
CA LYS A 356 -31.36 8.95 -5.79
C LYS A 356 -31.36 8.12 -7.07
N ASP A 357 -32.43 7.38 -7.32
CA ASP A 357 -33.66 7.37 -6.51
C ASP A 357 -34.09 5.95 -6.22
N ASP A 358 -33.22 5.13 -5.61
CA ASP A 358 -33.32 3.68 -5.62
C ASP A 358 -32.87 3.15 -6.98
N GLN A 359 -32.66 4.02 -7.95
CA GLN A 359 -32.08 3.78 -9.25
C GLN A 359 -31.01 4.83 -9.46
N LEU A 360 -30.06 4.53 -10.33
CA LEU A 360 -28.88 5.35 -10.52
C LEU A 360 -29.03 6.32 -11.68
N SER A 361 -28.38 7.49 -11.58
CA SER A 361 -28.41 8.49 -12.64
C SER A 361 -27.17 8.33 -13.52
N TYR A 362 -27.36 8.00 -14.79
CA TYR A 362 -26.20 7.61 -15.57
C TYR A 362 -25.27 8.78 -15.85
N LYS A 363 -25.78 10.00 -16.05
CA LYS A 363 -24.82 11.02 -16.48
C LYS A 363 -23.96 11.52 -15.33
N GLU A 364 -24.42 11.44 -14.09
CA GLU A 364 -23.48 11.74 -13.00
C GLU A 364 -22.40 10.65 -12.92
N PHE A 365 -22.83 9.39 -12.99
CA PHE A 365 -21.91 8.26 -12.91
C PHE A 365 -20.85 8.34 -14.00
N ILE A 366 -21.31 8.65 -15.23
CA ILE A 366 -20.38 8.76 -16.35
C ILE A 366 -19.35 9.86 -16.07
N GLY A 367 -19.77 10.94 -15.41
CA GLY A 367 -18.83 12.00 -15.13
C GLY A 367 -17.70 11.61 -14.21
N ILE A 368 -18.05 11.17 -13.00
CA ILE A 368 -16.97 10.75 -12.12
C ILE A 368 -16.13 9.64 -12.74
N MET A 369 -16.70 8.80 -13.62
CA MET A 369 -15.86 7.67 -14.02
C MET A 369 -14.92 8.04 -15.15
N LYS A 370 -15.43 8.85 -16.09
CA LYS A 370 -14.62 9.64 -17.01
C LYS A 370 -13.37 10.10 -16.26
N ASP A 371 -13.55 10.86 -15.17
CA ASP A 371 -12.39 11.36 -14.45
C ASP A 371 -11.49 10.20 -14.00
N ARG A 372 -12.07 9.24 -13.26
CA ARG A 372 -11.32 8.24 -12.53
C ARG A 372 -10.29 7.52 -13.40
N LEU A 373 -10.68 6.99 -14.56
CA LEU A 373 -9.69 6.14 -15.24
C LEU A 373 -8.54 6.96 -15.77
N HIS A 374 -8.84 8.06 -16.45
CA HIS A 374 -7.79 8.87 -17.06
C HIS A 374 -6.82 9.39 -16.00
N ARG A 375 -7.32 10.16 -15.03
CA ARG A 375 -6.39 10.74 -14.06
C ARG A 375 -5.96 9.77 -12.96
N GLY A 376 -6.25 8.47 -13.09
CA GLY A 376 -5.78 7.52 -12.11
C GLY A 376 -4.34 7.04 -12.26
N PHE A 377 -3.70 7.33 -13.39
CA PHE A 377 -2.43 6.72 -13.74
C PHE A 377 -1.46 7.77 -14.23
N ASP B 9 -14.30 17.93 20.86
CA ASP B 9 -13.60 18.18 19.60
C ASP B 9 -12.17 18.70 19.85
N LEU B 10 -12.05 20.02 20.01
CA LEU B 10 -10.79 20.67 20.32
C LEU B 10 -10.34 20.43 21.75
N TYR B 11 -11.18 19.83 22.58
CA TYR B 11 -10.83 19.56 23.97
C TYR B 11 -9.89 18.36 24.11
N ALA B 12 -9.54 17.70 23.00
CA ALA B 12 -8.90 16.38 23.02
C ALA B 12 -7.42 16.42 22.65
N THR B 13 -6.69 15.45 23.21
CA THR B 13 -5.28 15.19 22.98
C THR B 13 -5.06 14.43 21.68
N SER B 14 -3.79 14.41 21.25
CA SER B 14 -3.36 13.76 20.01
C SER B 14 -3.93 12.36 19.85
N ARG B 15 -3.73 11.51 20.86
CA ARG B 15 -4.06 10.11 20.70
C ARG B 15 -5.54 9.90 20.39
N GLU B 16 -6.43 10.38 21.22
CA GLU B 16 -7.81 10.15 20.84
C GLU B 16 -8.25 11.02 19.66
N ARG B 17 -7.46 12.01 19.28
CA ARG B 17 -7.90 12.77 18.13
C ARG B 17 -8.01 11.71 17.05
N ARG B 18 -7.00 10.86 16.98
CA ARG B 18 -6.98 9.78 16.01
C ARG B 18 -8.06 8.73 16.22
N PHE B 19 -8.28 8.36 17.47
CA PHE B 19 -9.21 7.29 17.76
C PHE B 19 -10.53 7.69 17.16
N ARG B 20 -10.95 8.93 17.39
CA ARG B 20 -12.19 9.36 16.76
C ARG B 20 -12.04 9.55 15.26
N LEU B 21 -10.84 9.95 14.81
CA LEU B 21 -10.66 10.12 13.38
C LEU B 21 -10.92 8.82 12.60
N PHE B 22 -10.41 7.69 13.12
CA PHE B 22 -10.59 6.41 12.44
C PHE B 22 -11.79 5.61 12.92
N ALA B 23 -12.39 5.96 14.04
CA ALA B 23 -13.48 5.15 14.56
C ALA B 23 -14.62 5.13 13.54
N SER B 24 -15.41 4.06 13.59
CA SER B 24 -16.47 3.81 12.62
C SER B 24 -17.81 3.48 13.22
N ILE B 25 -17.88 3.11 14.50
CA ILE B 25 -19.15 2.74 15.12
C ILE B 25 -19.42 3.64 16.32
N GLU B 26 -20.69 4.03 16.48
CA GLU B 26 -21.22 4.57 17.72
C GLU B 26 -22.29 3.63 18.25
N CYS B 27 -22.15 3.24 19.51
CA CYS B 27 -23.16 2.44 20.19
C CYS B 27 -23.38 3.07 21.55
N GLU B 28 -24.63 3.44 21.82
CA GLU B 28 -25.02 4.18 23.01
C GLU B 28 -23.94 5.18 23.40
N GLY B 29 -23.64 6.07 22.46
CA GLY B 29 -22.79 7.20 22.73
C GLY B 29 -21.31 6.92 22.67
N GLN B 30 -20.89 5.67 22.71
CA GLN B 30 -19.46 5.39 22.67
C GLN B 30 -19.01 5.06 21.24
N LEU B 31 -17.72 5.26 20.98
CA LEU B 31 -17.13 5.07 19.67
C LEU B 31 -16.21 3.84 19.66
N PHE B 32 -16.01 3.29 18.46
CA PHE B 32 -15.31 2.02 18.31
C PHE B 32 -14.65 1.92 16.94
N MET B 33 -13.44 1.35 16.93
CA MET B 33 -12.74 0.87 15.74
C MET B 33 -13.21 -0.54 15.38
N THR B 34 -13.17 -0.87 14.08
CA THR B 34 -13.21 -2.26 13.65
C THR B 34 -11.80 -2.78 13.78
N PRO B 35 -11.60 -4.09 13.72
CA PRO B 35 -10.26 -4.58 13.34
C PRO B 35 -9.65 -3.86 12.14
N TYR B 36 -10.44 -3.69 11.06
CA TYR B 36 -9.96 -3.03 9.85
C TYR B 36 -9.49 -1.62 10.11
N ASP B 37 -10.33 -0.82 10.79
CA ASP B 37 -9.93 0.56 11.10
C ASP B 37 -8.68 0.60 11.93
N PHE B 38 -8.48 -0.37 12.82
CA PHE B 38 -7.26 -0.37 13.63
C PHE B 38 -6.04 -0.63 12.77
N ILE B 39 -6.11 -1.61 11.86
CA ILE B 39 -4.99 -1.84 10.96
C ILE B 39 -4.68 -0.58 10.17
N LEU B 40 -5.72 0.08 9.65
CA LEU B 40 -5.50 1.34 8.95
C LEU B 40 -4.79 2.35 9.84
N ALA B 41 -5.38 2.62 11.01
CA ALA B 41 -4.85 3.59 11.95
C ALA B 41 -3.39 3.36 12.27
N VAL B 42 -2.93 2.10 12.19
CA VAL B 42 -1.54 1.83 12.49
C VAL B 42 -0.71 1.61 11.23
N THR B 43 -1.29 1.71 10.03
CA THR B 43 -0.46 1.52 8.83
C THR B 43 -0.48 2.67 7.82
N THR B 44 -1.50 3.54 7.86
CA THR B 44 -1.69 4.62 6.90
C THR B 44 -1.85 5.95 7.65
N ASP B 45 -1.66 7.06 6.92
CA ASP B 45 -1.65 8.35 7.59
C ASP B 45 -3.05 8.91 7.87
N GLU B 46 -4.01 8.75 6.96
CA GLU B 46 -5.42 9.11 7.11
C GLU B 46 -6.43 8.04 6.75
N PRO B 47 -7.63 8.16 7.34
CA PRO B 47 -8.69 7.20 7.05
C PRO B 47 -9.31 7.43 5.69
N LYS B 48 -10.01 6.39 5.23
CA LYS B 48 -10.69 6.50 3.95
C LYS B 48 -11.88 7.46 4.06
N VAL B 49 -12.70 7.30 5.09
CA VAL B 49 -13.74 8.26 5.42
C VAL B 49 -13.58 8.66 6.89
N ALA B 50 -13.53 9.96 7.17
CA ALA B 50 -13.11 10.49 8.46
C ALA B 50 -14.28 10.95 9.36
N LYS B 51 -14.12 10.68 10.65
CA LYS B 51 -15.01 11.12 11.72
C LYS B 51 -16.48 10.90 11.34
N THR B 52 -16.77 9.72 10.79
CA THR B 52 -18.12 9.32 10.48
C THR B 52 -18.42 8.00 11.18
N TRP B 53 -19.38 8.03 12.08
CA TRP B 53 -19.71 6.85 12.86
C TRP B 53 -21.12 6.37 12.52
N LYS B 54 -21.19 5.16 11.99
CA LYS B 54 -22.46 4.49 11.86
C LYS B 54 -22.91 4.04 13.25
N SER B 55 -24.14 4.36 13.61
CA SER B 55 -24.66 4.06 14.93
C SER B 55 -25.31 2.68 14.98
N LEU B 56 -25.05 1.96 16.07
CA LEU B 56 -25.54 0.61 16.25
C LEU B 56 -26.28 0.52 17.58
N SER B 57 -27.17 -0.45 17.63
CA SER B 57 -27.79 -0.86 18.89
C SER B 57 -26.91 -1.93 19.53
N LYS B 58 -26.93 -1.99 20.88
CA LYS B 58 -26.29 -3.07 21.64
C LYS B 58 -26.61 -4.45 21.08
N GLN B 59 -27.78 -4.64 20.46
CA GLN B 59 -28.10 -5.98 19.94
C GLN B 59 -27.40 -6.28 18.61
N GLU B 60 -27.31 -5.29 17.70
CA GLU B 60 -26.48 -5.44 16.50
C GLU B 60 -25.03 -5.74 16.85
N LEU B 61 -24.49 -5.00 17.82
CA LEU B 61 -23.08 -5.12 18.21
C LEU B 61 -22.83 -6.51 18.80
N ASN B 62 -23.65 -6.87 19.77
CA ASN B 62 -23.73 -8.25 20.25
C ASN B 62 -23.65 -9.27 19.13
N GLN B 63 -24.55 -9.21 18.13
CA GLN B 63 -24.54 -10.23 17.10
C GLN B 63 -23.22 -10.22 16.35
N MET B 64 -22.75 -9.01 15.96
CA MET B 64 -21.44 -8.82 15.35
C MET B 64 -20.36 -9.61 16.10
N LEU B 65 -20.38 -9.49 17.43
CA LEU B 65 -19.43 -10.17 18.31
C LEU B 65 -19.62 -11.68 18.31
N ALA B 66 -20.86 -12.15 18.11
CA ALA B 66 -21.16 -13.57 18.31
C ALA B 66 -20.41 -14.47 17.33
N GLU B 67 -19.95 -13.94 16.20
CA GLU B 67 -19.16 -14.68 15.23
C GLU B 67 -17.65 -14.43 15.38
N THR B 68 -17.22 -14.08 16.58
CA THR B 68 -15.81 -13.81 16.82
C THR B 68 -15.04 -15.12 16.93
N PRO B 69 -13.87 -15.24 16.31
CA PRO B 69 -13.15 -16.49 16.35
C PRO B 69 -12.61 -16.78 17.74
N PRO B 70 -12.58 -18.03 18.15
CA PRO B 70 -12.00 -18.38 19.45
C PRO B 70 -10.48 -18.29 19.40
N VAL B 71 -9.91 -18.30 20.59
CA VAL B 71 -8.48 -18.03 20.72
C VAL B 71 -7.65 -18.99 19.87
N TRP B 72 -8.09 -20.24 19.75
CA TRP B 72 -7.31 -21.26 19.05
C TRP B 72 -7.38 -21.12 17.54
N LYS B 73 -8.06 -20.08 17.07
CA LYS B 73 -8.13 -19.85 15.65
C LYS B 73 -7.36 -18.62 15.25
N GLY B 74 -6.47 -18.15 16.11
CA GLY B 74 -5.67 -16.99 15.82
C GLY B 74 -4.57 -17.26 14.81
N SER B 75 -4.08 -16.17 14.23
CA SER B 75 -3.01 -16.23 13.23
C SER B 75 -2.51 -14.84 12.95
N SER B 76 -1.40 -14.79 12.22
CA SER B 76 -0.93 -13.57 11.62
C SER B 76 -1.91 -13.01 10.60
N LYS B 77 -3.11 -13.57 10.49
CA LYS B 77 -4.10 -13.00 9.58
C LYS B 77 -5.45 -12.85 10.24
N LEU B 78 -5.45 -12.84 11.58
CA LEU B 78 -6.69 -12.69 12.36
C LEU B 78 -7.42 -11.39 12.05
N PHE B 79 -6.74 -10.24 12.14
CA PHE B 79 -7.46 -8.98 12.00
C PHE B 79 -7.97 -8.81 10.58
N ARG B 80 -7.16 -9.19 9.60
CA ARG B 80 -7.57 -9.10 8.20
C ARG B 80 -8.83 -9.92 7.94
N ASN B 81 -8.89 -11.12 8.51
CA ASN B 81 -10.05 -11.98 8.31
C ASN B 81 -11.26 -11.46 9.08
N LEU B 82 -11.05 -10.83 10.21
CA LEU B 82 -12.15 -10.20 10.92
C LEU B 82 -12.75 -9.07 10.09
N LYS B 83 -11.91 -8.34 9.38
CA LYS B 83 -12.40 -7.26 8.56
C LYS B 83 -13.14 -6.24 9.40
N GLU B 84 -14.38 -5.95 9.02
CA GLU B 84 -15.19 -4.99 9.74
C GLU B 84 -16.12 -5.62 10.75
N LYS B 85 -16.09 -6.93 10.90
CA LYS B 85 -17.02 -7.56 11.83
C LYS B 85 -16.30 -7.77 13.15
N GLY B 86 -16.16 -6.67 13.88
CA GLY B 86 -15.47 -6.67 15.16
C GLY B 86 -15.48 -5.29 15.79
N VAL B 87 -15.16 -5.26 17.08
CA VAL B 87 -15.28 -4.05 17.90
C VAL B 87 -14.00 -3.86 18.71
N ILE B 88 -13.51 -2.62 18.78
CA ILE B 88 -12.29 -2.30 19.50
C ILE B 88 -12.48 -1.03 20.32
N SER B 89 -12.33 -1.15 21.65
CA SER B 89 -12.41 -0.02 22.59
C SER B 89 -11.29 0.97 22.37
N TYR B 90 -11.52 2.22 22.81
CA TYR B 90 -10.44 3.18 22.79
C TYR B 90 -9.31 2.75 23.72
N THR B 91 -9.68 2.30 24.92
CA THR B 91 -8.70 1.67 25.82
C THR B 91 -7.92 0.60 25.06
N GLU B 92 -8.64 -0.28 24.36
CA GLU B 92 -7.97 -1.38 23.67
C GLU B 92 -7.13 -0.93 22.50
N TYR B 93 -7.51 0.17 21.84
CA TYR B 93 -6.61 0.74 20.87
C TYR B 93 -5.28 1.02 21.55
N LEU B 94 -5.33 1.67 22.73
CA LEU B 94 -4.06 2.00 23.38
C LEU B 94 -3.31 0.74 23.83
N PHE B 95 -4.05 -0.24 24.32
CA PHE B 95 -3.44 -1.50 24.73
C PHE B 95 -2.71 -2.16 23.56
N LEU B 96 -3.40 -2.22 22.41
CA LEU B 96 -2.83 -2.82 21.21
C LEU B 96 -1.63 -2.04 20.69
N LEU B 97 -1.73 -0.71 20.76
CA LEU B 97 -0.59 0.13 20.46
C LEU B 97 0.60 -0.22 21.34
N CYS B 98 0.35 -0.41 22.65
CA CYS B 98 1.42 -0.84 23.57
C CYS B 98 2.01 -2.16 23.08
N ILE B 99 1.14 -3.09 22.67
CA ILE B 99 1.63 -4.37 22.17
C ILE B 99 2.54 -4.14 20.98
N LEU B 100 2.23 -3.16 20.14
CA LEU B 100 3.04 -2.98 18.94
C LEU B 100 4.39 -2.35 19.27
N THR B 101 4.44 -1.48 20.27
CA THR B 101 5.58 -0.60 20.41
C THR B 101 6.53 -0.97 21.53
N LYS B 102 6.03 -1.48 22.63
CA LYS B 102 6.85 -1.63 23.81
C LYS B 102 7.51 -3.01 23.85
N PRO B 103 8.53 -3.21 24.69
CA PRO B 103 9.23 -4.49 24.70
C PRO B 103 8.43 -5.53 25.46
N HIS B 104 8.61 -6.80 25.05
CA HIS B 104 7.76 -7.85 25.60
C HIS B 104 7.84 -7.92 27.12
N ALA B 105 9.00 -7.57 27.68
CA ALA B 105 9.28 -7.86 29.08
C ALA B 105 8.13 -7.39 29.97
N GLY B 106 7.74 -6.12 29.82
CA GLY B 106 6.71 -5.54 30.65
C GLY B 106 5.42 -6.34 30.67
N PHE B 107 5.10 -7.00 29.56
CA PHE B 107 3.90 -7.82 29.55
C PHE B 107 4.09 -9.08 30.39
N ARG B 108 5.23 -9.76 30.23
CA ARG B 108 5.52 -10.88 31.12
C ARG B 108 5.45 -10.41 32.57
N ILE B 109 5.89 -9.19 32.83
CA ILE B 109 5.88 -8.69 34.19
C ILE B 109 4.45 -8.65 34.71
N ALA B 110 3.58 -7.88 34.05
CA ALA B 110 2.26 -7.66 34.66
C ALA B 110 1.38 -8.91 34.61
N PHE B 111 1.57 -9.78 33.61
CA PHE B 111 0.78 -11.00 33.62
C PHE B 111 1.23 -11.90 34.76
N ASN B 112 2.54 -12.08 34.91
CA ASN B 112 3.03 -12.84 36.06
C ASN B 112 2.55 -12.22 37.37
N MET B 113 2.54 -10.90 37.43
CA MET B 113 2.09 -10.21 38.63
C MET B 113 0.62 -10.47 38.96
N PHE B 114 -0.25 -10.49 37.95
CA PHE B 114 -1.65 -10.76 38.26
C PHE B 114 -1.98 -12.25 38.36
N ASP B 115 -1.02 -13.16 38.17
CA ASP B 115 -1.36 -14.59 38.18
C ASP B 115 -1.03 -15.21 39.53
N THR B 116 -1.79 -14.80 40.54
CA THR B 116 -1.93 -15.57 41.77
C THR B 116 -2.90 -16.73 41.52
N ASP B 117 -4.13 -16.39 41.08
CA ASP B 117 -5.09 -17.31 40.43
C ASP B 117 -4.76 -17.49 38.95
N GLY B 118 -4.57 -18.74 38.56
CA GLY B 118 -4.21 -19.11 37.22
C GLY B 118 -4.07 -20.61 37.20
N ASN B 119 -2.85 -21.12 37.19
CA ASN B 119 -1.62 -20.36 37.08
C ASN B 119 -1.09 -21.22 35.94
N GLU B 120 -0.58 -20.71 34.81
CA GLU B 120 -0.33 -19.37 34.37
C GLU B 120 -1.51 -18.96 33.49
N MET B 121 -2.67 -18.84 34.10
CA MET B 121 -3.85 -18.36 33.40
C MET B 121 -4.36 -17.11 34.10
N VAL B 122 -5.03 -16.26 33.35
CA VAL B 122 -5.66 -15.10 33.96
C VAL B 122 -7.14 -15.13 33.66
N ASP B 123 -7.90 -14.59 34.62
CA ASP B 123 -9.33 -14.41 34.61
C ASP B 123 -9.68 -13.21 33.73
N LYS B 124 -10.94 -13.19 33.26
CA LYS B 124 -11.45 -12.01 32.55
C LYS B 124 -11.42 -10.77 33.44
N LYS B 125 -11.83 -10.91 34.70
CA LYS B 125 -11.88 -9.75 35.59
C LYS B 125 -10.47 -9.24 35.87
N GLU B 126 -9.52 -10.17 36.09
CA GLU B 126 -8.12 -9.79 36.22
C GLU B 126 -7.63 -9.03 34.99
N PHE B 127 -7.95 -9.54 33.78
CA PHE B 127 -7.53 -8.87 32.57
C PHE B 127 -8.11 -7.47 32.47
N LEU B 128 -9.38 -7.33 32.80
CA LEU B 128 -9.99 -6.00 32.77
C LEU B 128 -9.24 -5.02 33.65
N VAL B 129 -8.91 -5.44 34.88
CA VAL B 129 -8.22 -4.54 35.79
C VAL B 129 -6.81 -4.21 35.28
N LEU B 130 -6.04 -5.25 34.92
CA LEU B 130 -4.72 -5.03 34.34
C LEU B 130 -4.79 -4.04 33.18
N GLN B 131 -5.82 -4.19 32.32
CA GLN B 131 -5.96 -3.32 31.17
C GLN B 131 -6.26 -1.91 31.61
N GLU B 132 -7.10 -1.76 32.64
CA GLU B 132 -7.36 -0.44 33.21
C GLU B 132 -6.08 0.18 33.77
N ILE B 133 -5.17 -0.66 34.29
CA ILE B 133 -3.87 -0.17 34.72
C ILE B 133 -3.10 0.42 33.55
N PHE B 134 -2.97 -0.36 32.46
CA PHE B 134 -2.27 0.18 31.32
C PHE B 134 -2.91 1.46 30.82
N ARG B 135 -4.21 1.63 31.04
CA ARG B 135 -4.83 2.84 30.53
C ARG B 135 -4.44 4.04 31.36
N LYS B 136 -4.58 3.94 32.68
CA LYS B 136 -4.26 5.07 33.54
C LYS B 136 -2.81 5.50 33.43
N LYS B 137 -1.90 4.54 33.17
CA LYS B 137 -0.49 4.88 32.97
C LYS B 137 -0.31 5.66 31.67
N ASN B 138 -1.13 5.38 30.65
CA ASN B 138 -1.05 6.16 29.42
C ASN B 138 -1.68 7.54 29.60
N GLU B 139 -2.87 7.58 30.21
CA GLU B 139 -3.59 8.82 30.50
C GLU B 139 -2.66 9.91 31.02
N LYS B 140 -2.03 9.68 32.17
CA LYS B 140 -1.29 10.74 32.82
C LYS B 140 0.12 10.91 32.28
N ARG B 141 0.65 9.96 31.50
CA ARG B 141 1.84 10.28 30.71
C ARG B 141 1.52 11.37 29.70
N GLU B 142 0.41 11.22 28.98
CA GLU B 142 0.02 12.25 28.05
C GLU B 142 -0.43 13.52 28.78
N ILE B 143 -1.23 13.38 29.83
CA ILE B 143 -1.76 14.56 30.51
C ILE B 143 -0.64 15.39 31.11
N LYS B 144 0.30 14.74 31.80
CA LYS B 144 1.44 15.49 32.34
C LYS B 144 2.33 16.03 31.22
N GLY B 145 2.41 15.31 30.08
CA GLY B 145 3.13 15.87 28.94
C GLY B 145 2.52 17.15 28.43
N ASP B 146 1.19 17.18 28.30
CA ASP B 146 0.52 18.36 27.79
C ASP B 146 0.59 19.52 28.79
N GLU B 147 0.27 19.24 30.05
CA GLU B 147 0.43 20.26 31.08
C GLU B 147 1.85 20.84 31.06
N GLU B 148 2.86 19.99 30.84
CA GLU B 148 4.25 20.45 30.70
C GLU B 148 4.39 21.42 29.51
N LYS B 149 3.85 21.02 28.35
CA LYS B 149 3.82 21.87 27.15
C LYS B 149 3.22 23.25 27.44
N ARG B 150 1.93 23.28 27.79
CA ARG B 150 1.28 24.55 28.08
C ARG B 150 1.99 25.31 29.19
N ALA B 151 2.67 24.62 30.09
CA ALA B 151 3.39 25.33 31.16
C ALA B 151 4.55 26.14 30.59
N MET B 152 5.36 25.53 29.72
CA MET B 152 6.44 26.32 29.15
C MET B 152 5.91 27.33 28.12
N LEU B 153 4.86 26.96 27.37
CA LEU B 153 4.24 27.90 26.45
C LEU B 153 3.77 29.15 27.18
N ARG B 154 3.24 28.97 28.40
CA ARG B 154 2.90 30.10 29.26
C ARG B 154 4.14 30.85 29.68
N LEU B 155 5.24 30.13 30.00
CA LEU B 155 6.46 30.82 30.41
C LEU B 155 6.93 31.75 29.31
N GLN B 156 6.75 31.34 28.05
CA GLN B 156 7.22 32.15 26.95
C GLN B 156 6.39 33.40 26.73
N LEU B 157 5.06 33.31 26.92
CA LEU B 157 4.16 34.44 26.68
C LEU B 157 4.08 35.40 27.87
N TYR B 158 4.12 34.90 29.10
CA TYR B 158 3.85 35.75 30.26
C TYR B 158 4.90 35.64 31.34
N VAL B 207 -16.06 -2.96 30.25
CA VAL B 207 -17.35 -3.39 30.80
C VAL B 207 -18.26 -4.03 29.73
N THR B 208 -18.47 -3.35 28.60
CA THR B 208 -19.23 -3.95 27.49
C THR B 208 -18.32 -4.84 26.63
N ASP B 209 -18.92 -5.92 26.09
CA ASP B 209 -18.13 -6.92 25.41
C ASP B 209 -17.47 -6.38 24.15
N THR B 210 -16.36 -7.01 23.79
CA THR B 210 -15.46 -6.51 22.76
C THR B 210 -14.94 -7.69 21.94
N THR B 211 -14.45 -7.39 20.73
CA THR B 211 -13.78 -8.42 19.94
C THR B 211 -12.75 -9.14 20.81
N LEU B 212 -11.81 -8.38 21.36
CA LEU B 212 -10.75 -8.99 22.18
C LEU B 212 -11.33 -9.76 23.35
N LEU B 213 -12.34 -9.22 24.03
CA LEU B 213 -12.80 -9.88 25.24
C LEU B 213 -13.45 -11.21 24.93
N VAL B 214 -14.24 -11.26 23.86
CA VAL B 214 -14.81 -12.54 23.46
C VAL B 214 -13.72 -13.48 22.95
N HIS B 215 -12.78 -12.93 22.19
CA HIS B 215 -11.69 -13.75 21.65
C HIS B 215 -10.93 -14.44 22.77
N PHE B 216 -10.61 -13.70 23.83
CA PHE B 216 -9.77 -14.24 24.91
C PHE B 216 -10.55 -15.08 25.89
N PHE B 217 -11.81 -14.74 26.17
CA PHE B 217 -12.50 -15.40 27.28
C PHE B 217 -13.80 -16.09 26.86
N GLY B 218 -13.98 -16.34 25.58
CA GLY B 218 -15.18 -16.98 25.12
C GLY B 218 -16.33 -16.01 25.15
N LYS B 219 -17.49 -16.60 24.87
CA LYS B 219 -18.66 -15.92 24.34
C LYS B 219 -19.48 -15.34 25.50
N LYS B 220 -19.49 -16.06 26.63
CA LYS B 220 -19.99 -15.63 27.92
C LYS B 220 -18.85 -15.29 28.88
N GLY B 221 -17.67 -15.02 28.36
CA GLY B 221 -16.59 -14.46 29.17
C GLY B 221 -16.07 -15.35 30.28
N LYS B 222 -16.32 -16.65 30.24
CA LYS B 222 -15.97 -17.47 31.40
C LYS B 222 -14.72 -18.30 31.23
N ALA B 223 -14.09 -18.34 30.06
CA ALA B 223 -12.81 -19.03 29.96
C ALA B 223 -11.70 -18.21 30.62
N GLU B 224 -10.58 -18.88 30.89
CA GLU B 224 -9.37 -18.23 31.36
C GLU B 224 -8.35 -18.19 30.21
N LEU B 225 -7.52 -17.15 30.21
CA LEU B 225 -6.59 -16.94 29.09
C LEU B 225 -5.20 -17.37 29.55
N ASN B 226 -4.67 -18.41 28.93
CA ASN B 226 -3.31 -18.92 29.16
C ASN B 226 -2.25 -17.92 28.67
N PHE B 227 -1.10 -17.98 29.32
CA PHE B 227 -0.01 -17.08 28.94
C PHE B 227 0.51 -17.37 27.53
N GLU B 228 0.69 -18.65 27.17
CA GLU B 228 1.23 -18.98 25.86
C GLU B 228 0.35 -18.38 24.77
N ASP B 229 -0.97 -18.46 24.99
CA ASP B 229 -1.96 -17.91 24.08
C ASP B 229 -1.81 -16.40 23.93
N PHE B 230 -1.73 -15.66 25.04
CA PHE B 230 -1.66 -14.22 24.90
C PHE B 230 -0.33 -13.78 24.28
N TYR B 231 0.76 -14.47 24.59
CA TYR B 231 2.02 -14.02 24.03
C TYR B 231 2.02 -14.28 22.52
N ARG B 232 1.34 -15.34 22.10
CA ARG B 232 1.26 -15.66 20.67
C ARG B 232 0.32 -14.70 19.95
N PHE B 233 -0.73 -14.22 20.62
CA PHE B 233 -1.50 -13.12 20.09
C PHE B 233 -0.64 -11.88 19.87
N MET B 234 0.13 -11.48 20.88
CA MET B 234 1.06 -10.37 20.68
C MET B 234 1.90 -10.58 19.42
N ASP B 235 2.53 -11.75 19.32
CA ASP B 235 3.41 -12.02 18.19
C ASP B 235 2.65 -11.93 16.86
N ASN B 236 1.46 -12.53 16.82
CA ASN B 236 0.67 -12.53 15.60
C ASN B 236 0.35 -11.11 15.16
N LEU B 237 -0.12 -10.27 16.09
CA LEU B 237 -0.43 -8.89 15.74
C LEU B 237 0.80 -8.18 15.17
N GLN B 238 1.95 -8.35 15.79
CA GLN B 238 3.15 -7.69 15.31
C GLN B 238 3.52 -8.13 13.91
N THR B 239 3.41 -9.42 13.63
CA THR B 239 3.76 -9.84 12.27
C THR B 239 2.67 -9.46 11.27
N GLU B 240 1.40 -9.33 11.70
CA GLU B 240 0.38 -8.80 10.80
C GLU B 240 0.76 -7.43 10.31
N VAL B 241 1.02 -6.52 11.24
CA VAL B 241 1.36 -5.17 10.81
C VAL B 241 2.62 -5.17 9.94
N LEU B 242 3.63 -5.94 10.35
CA LEU B 242 4.84 -5.99 9.55
C LEU B 242 4.57 -6.55 8.16
N GLU B 243 3.80 -7.64 8.07
CA GLU B 243 3.49 -8.27 6.80
C GLU B 243 2.77 -7.29 5.88
N ILE B 244 1.89 -6.45 6.44
CA ILE B 244 1.20 -5.42 5.66
C ILE B 244 2.20 -4.41 5.10
N GLU B 245 3.11 -3.89 5.95
CA GLU B 245 4.13 -2.98 5.43
C GLU B 245 4.91 -3.65 4.31
N PHE B 246 5.31 -4.90 4.54
CA PHE B 246 6.11 -5.60 3.56
C PHE B 246 5.35 -5.79 2.25
N LEU B 247 4.05 -6.05 2.34
CA LEU B 247 3.26 -6.17 1.12
C LEU B 247 3.24 -4.86 0.36
N SER B 248 2.87 -3.78 1.06
CA SER B 248 2.99 -2.41 0.61
C SER B 248 4.21 -2.26 -0.30
N TYR B 249 5.37 -2.76 0.12
CA TYR B 249 6.47 -2.56 -0.81
C TYR B 249 6.68 -3.69 -1.81
N SER B 250 6.20 -4.88 -1.53
CA SER B 250 6.56 -6.02 -2.37
C SER B 250 5.55 -6.30 -3.46
N ASN B 251 4.36 -5.71 -3.38
CA ASN B 251 3.27 -6.06 -4.28
C ASN B 251 3.20 -7.58 -4.45
N GLY B 252 3.42 -8.33 -3.38
CA GLY B 252 3.26 -9.77 -3.43
C GLY B 252 4.50 -10.60 -3.73
N MET B 253 5.66 -9.97 -3.98
CA MET B 253 6.83 -10.77 -4.30
C MET B 253 7.52 -11.23 -3.00
N ASN B 254 8.57 -12.04 -3.17
CA ASN B 254 9.21 -12.69 -2.03
C ASN B 254 10.10 -11.75 -1.26
N THR B 255 10.65 -10.73 -1.92
CA THR B 255 11.60 -9.82 -1.31
C THR B 255 11.17 -8.39 -1.57
N ILE B 256 11.83 -7.48 -0.85
CA ILE B 256 11.82 -6.05 -1.14
C ILE B 256 13.27 -5.68 -1.40
N SER B 257 13.47 -4.57 -2.10
CA SER B 257 14.80 -4.08 -2.43
C SER B 257 15.43 -3.29 -1.28
N GLU B 258 16.76 -3.21 -1.32
CA GLU B 258 17.50 -2.23 -0.52
C GLU B 258 16.81 -0.88 -0.38
N GLU B 259 16.39 -0.29 -1.51
CA GLU B 259 15.75 1.02 -1.46
C GLU B 259 14.42 0.93 -0.72
N ASP B 260 13.67 -0.15 -0.94
CA ASP B 260 12.44 -0.36 -0.19
C ASP B 260 12.70 -0.33 1.31
N PHE B 261 13.59 -1.22 1.77
CA PHE B 261 14.01 -1.26 3.16
C PHE B 261 14.34 0.13 3.67
N ALA B 262 15.29 0.80 3.00
CA ALA B 262 15.73 2.12 3.40
C ALA B 262 14.56 3.07 3.56
N HIS B 263 13.68 3.09 2.57
CA HIS B 263 12.51 3.94 2.66
C HIS B 263 11.66 3.58 3.88
N ILE B 264 11.56 2.30 4.20
CA ILE B 264 10.72 1.88 5.32
C ILE B 264 11.32 2.37 6.64
N LEU B 265 12.62 2.17 6.82
CA LEU B 265 13.28 2.61 8.04
C LEU B 265 13.19 4.12 8.20
N LEU B 266 13.51 4.85 7.14
CA LEU B 266 13.60 6.30 7.17
C LEU B 266 12.26 7.00 7.07
N ARG B 267 11.17 6.31 6.74
CA ARG B 267 9.96 7.00 6.29
C ARG B 267 9.42 7.95 7.34
N TYR B 268 9.70 7.68 8.61
CA TYR B 268 9.18 8.46 9.73
C TYR B 268 10.30 9.21 10.45
N THR B 269 11.29 9.66 9.68
CA THR B 269 12.45 10.42 10.14
C THR B 269 12.56 11.73 9.36
N ASN B 270 13.19 12.75 9.96
CA ASN B 270 13.41 14.06 9.34
C ASN B 270 14.00 13.97 7.93
N VAL B 271 13.37 14.67 6.98
CA VAL B 271 13.58 14.44 5.55
C VAL B 271 14.94 14.94 5.02
N GLU B 272 15.63 15.84 5.72
CA GLU B 272 17.00 16.18 5.34
C GLU B 272 17.91 14.94 5.30
N ASN B 273 18.15 14.41 6.49
CA ASN B 273 19.04 13.28 6.65
C ASN B 273 18.56 12.06 5.86
N THR B 274 17.27 11.73 5.95
CA THR B 274 16.75 10.67 5.11
C THR B 274 17.17 10.91 3.65
N SER B 275 17.08 12.15 3.18
CA SER B 275 17.55 12.44 1.81
C SER B 275 18.96 11.92 1.58
N VAL B 276 19.91 12.27 2.46
CA VAL B 276 21.28 11.83 2.15
C VAL B 276 21.32 10.31 2.02
N PHE B 277 20.63 9.59 2.92
CA PHE B 277 20.74 8.12 2.89
C PHE B 277 20.11 7.53 1.63
N LEU B 278 18.92 8.03 1.26
CA LEU B 278 18.25 7.54 0.07
C LEU B 278 19.09 7.77 -1.17
N GLU B 279 19.77 8.92 -1.28
CA GLU B 279 20.59 9.02 -2.47
C GLU B 279 21.82 8.14 -2.37
N ASN B 280 22.23 7.74 -1.16
CA ASN B 280 23.32 6.77 -1.08
C ASN B 280 22.89 5.42 -1.66
N VAL B 281 21.70 4.95 -1.30
CA VAL B 281 21.32 3.65 -1.86
C VAL B 281 21.07 3.78 -3.35
N ARG B 282 20.55 4.92 -3.80
CA ARG B 282 20.23 5.02 -5.22
C ARG B 282 21.49 5.05 -6.06
N TYR B 283 22.56 5.64 -5.54
CA TYR B 283 23.78 5.74 -6.33
C TYR B 283 24.67 4.50 -6.26
N SER B 284 24.55 3.68 -5.21
CA SER B 284 25.54 2.62 -4.97
C SER B 284 25.31 1.42 -5.90
N ILE B 285 26.24 0.44 -5.81
CA ILE B 285 26.27 -0.80 -6.58
C ILE B 285 25.00 -1.60 -6.34
N PRO B 286 24.52 -2.36 -7.33
CA PRO B 286 23.22 -3.02 -7.19
C PRO B 286 23.22 -4.16 -6.17
N GLU B 287 22.08 -4.33 -5.52
CA GLU B 287 21.92 -5.44 -4.61
C GLU B 287 21.84 -6.75 -5.40
N GLU B 288 22.35 -7.83 -4.81
CA GLU B 288 22.33 -9.11 -5.50
C GLU B 288 21.02 -9.88 -5.30
N LYS B 289 20.40 -9.80 -4.11
CA LYS B 289 19.25 -10.65 -3.82
C LYS B 289 18.05 -9.96 -3.19
N GLY B 290 18.22 -8.81 -2.54
CA GLY B 290 17.11 -8.18 -1.81
C GLY B 290 16.78 -8.92 -0.53
N ILE B 291 15.91 -8.38 0.32
CA ILE B 291 15.70 -8.96 1.64
C ILE B 291 14.34 -9.65 1.74
N THR B 292 14.36 -10.90 2.18
CA THR B 292 13.16 -11.67 2.50
C THR B 292 12.38 -11.08 3.67
N PHE B 293 11.10 -11.48 3.75
CA PHE B 293 10.28 -11.11 4.90
C PHE B 293 10.85 -11.62 6.21
N ASP B 294 11.53 -12.77 6.21
CA ASP B 294 12.02 -13.28 7.49
C ASP B 294 13.09 -12.36 8.05
N GLU B 295 14.01 -11.90 7.20
CA GLU B 295 14.98 -10.92 7.63
C GLU B 295 14.29 -9.61 8.01
N PHE B 296 13.25 -9.24 7.27
CA PHE B 296 12.50 -8.05 7.61
C PHE B 296 11.98 -8.13 9.04
N ARG B 297 11.22 -9.17 9.35
CA ARG B 297 10.62 -9.24 10.67
C ARG B 297 11.69 -9.38 11.75
N SER B 298 12.70 -10.21 11.51
CA SER B 298 13.80 -10.30 12.46
C SER B 298 14.30 -8.90 12.82
N PHE B 299 14.52 -8.08 11.80
CA PHE B 299 15.01 -6.74 12.04
C PHE B 299 14.08 -5.93 12.93
N PHE B 300 12.76 -6.04 12.73
CA PHE B 300 11.86 -5.25 13.59
C PHE B 300 11.72 -5.80 15.01
N GLN B 301 11.84 -7.12 15.17
CA GLN B 301 12.03 -7.66 16.51
C GLN B 301 13.23 -6.99 17.18
N PHE B 302 14.38 -6.97 16.49
CA PHE B 302 15.56 -6.32 17.02
C PHE B 302 15.28 -4.87 17.42
N LEU B 303 14.50 -4.15 16.61
CA LEU B 303 14.15 -2.77 16.98
C LEU B 303 13.35 -2.68 18.27
N ASN B 304 12.58 -3.73 18.64
CA ASN B 304 11.96 -3.69 19.96
C ASN B 304 12.99 -3.69 21.10
N ASN B 305 14.17 -4.27 20.91
CA ASN B 305 15.21 -4.34 21.95
C ASN B 305 16.27 -3.26 21.79
N LEU B 306 15.91 -2.15 21.14
CA LEU B 306 16.89 -1.11 20.84
C LEU B 306 17.62 -0.63 22.10
N GLU B 307 16.88 -0.48 23.22
CA GLU B 307 17.49 -0.01 24.47
C GLU B 307 18.65 -0.90 24.89
N ASP B 308 18.42 -2.21 24.92
CA ASP B 308 19.48 -3.12 25.32
C ASP B 308 20.61 -3.12 24.29
N PHE B 309 20.28 -2.89 23.01
CA PHE B 309 21.33 -2.76 21.99
C PHE B 309 22.25 -1.59 22.30
N ALA B 310 21.66 -0.44 22.65
CA ALA B 310 22.41 0.74 23.02
C ALA B 310 23.32 0.46 24.20
N ILE B 311 22.76 -0.11 25.28
CA ILE B 311 23.57 -0.44 26.45
C ILE B 311 24.71 -1.37 26.06
N ALA B 312 24.43 -2.33 25.18
CA ALA B 312 25.48 -3.23 24.70
C ALA B 312 26.58 -2.45 23.99
N LEU B 313 26.20 -1.41 23.24
CA LEU B 313 27.18 -0.59 22.55
C LEU B 313 27.91 0.37 23.49
N ASN B 314 27.32 0.71 24.63
CA ASN B 314 27.96 1.62 25.58
C ASN B 314 29.09 0.92 26.33
N MET B 315 28.76 -0.15 27.08
CA MET B 315 29.77 -0.92 27.83
C MET B 315 30.77 -1.63 26.91
N TYR B 316 30.47 -1.76 25.61
CA TYR B 316 31.46 -2.23 24.65
C TYR B 316 32.56 -1.19 24.45
N ASN B 317 32.22 -0.07 23.80
CA ASN B 317 33.19 0.97 23.42
C ASN B 317 32.52 1.99 22.50
N ARG B 321 32.31 6.15 18.62
CA ARG B 321 31.15 5.60 17.90
C ARG B 321 31.56 5.03 16.53
N SER B 322 32.53 4.12 16.53
CA SER B 322 33.07 3.49 15.32
C SER B 322 32.79 1.98 15.26
N ILE B 323 31.71 1.55 14.64
CA ILE B 323 31.33 0.14 14.68
C ILE B 323 31.39 -0.47 13.27
N GLY B 324 32.03 -1.65 13.16
CA GLY B 324 32.07 -2.43 11.94
C GLY B 324 30.96 -3.49 11.86
N GLN B 325 30.93 -4.20 10.72
CA GLN B 325 29.86 -5.18 10.48
C GLN B 325 29.91 -6.34 11.48
N ASP B 326 31.11 -6.90 11.72
CA ASP B 326 31.21 -8.00 12.67
C ASP B 326 30.81 -7.55 14.07
N GLU B 327 31.28 -6.36 14.48
CA GLU B 327 30.80 -5.71 15.69
C GLU B 327 29.28 -5.75 15.77
N PHE B 328 28.65 -5.14 14.76
CA PHE B 328 27.21 -4.92 14.75
C PHE B 328 26.46 -6.24 14.82
N LYS B 329 26.94 -7.24 14.09
CA LYS B 329 26.39 -8.59 14.15
C LYS B 329 26.41 -9.14 15.57
N ARG B 330 27.61 -9.17 16.18
CA ARG B 330 27.73 -9.61 17.56
C ARG B 330 26.84 -8.78 18.47
N ALA B 331 26.94 -7.46 18.39
CA ALA B 331 26.19 -6.59 19.29
C ALA B 331 24.73 -6.95 19.30
N VAL B 332 24.13 -7.07 18.11
CA VAL B 332 22.73 -7.48 18.01
C VAL B 332 22.54 -8.81 18.72
N TYR B 333 23.39 -9.80 18.41
CA TYR B 333 23.24 -11.12 19.02
C TYR B 333 23.26 -11.03 20.55
N VAL B 334 24.32 -10.45 21.11
CA VAL B 334 24.45 -10.30 22.56
C VAL B 334 23.20 -9.66 23.14
N ALA B 335 22.80 -8.51 22.60
CA ALA B 335 21.72 -7.73 23.20
C ALA B 335 20.32 -8.29 22.93
N THR B 336 20.17 -9.29 22.05
CA THR B 336 18.82 -9.74 21.72
C THR B 336 18.67 -11.23 21.52
N GLY B 337 19.77 -11.99 21.40
CA GLY B 337 19.66 -13.37 21.00
C GLY B 337 19.59 -13.60 19.51
N LEU B 338 19.31 -12.57 18.71
CA LEU B 338 19.09 -12.77 17.28
C LEU B 338 20.39 -12.66 16.49
N LYS B 339 20.53 -13.55 15.51
CA LYS B 339 21.63 -13.56 14.55
C LYS B 339 21.05 -13.16 13.21
N PHE B 340 21.35 -11.94 12.78
CA PHE B 340 20.99 -11.49 11.46
C PHE B 340 21.78 -12.28 10.44
N SER B 341 21.13 -12.58 9.29
CA SER B 341 21.79 -12.90 8.02
C SER B 341 22.99 -11.97 7.80
N PRO B 342 24.11 -12.47 7.26
CA PRO B 342 25.13 -11.56 6.71
C PRO B 342 24.55 -10.56 5.70
N HIS B 343 23.57 -11.01 4.91
CA HIS B 343 22.99 -10.11 3.92
C HIS B 343 22.31 -8.93 4.61
N LEU B 344 21.54 -9.20 5.68
CA LEU B 344 20.87 -8.13 6.42
C LEU B 344 21.87 -7.09 6.92
N VAL B 345 22.94 -7.54 7.58
CA VAL B 345 23.95 -6.61 8.08
C VAL B 345 24.53 -5.79 6.94
N ASN B 346 24.90 -6.49 5.86
CA ASN B 346 25.48 -5.80 4.72
C ASN B 346 24.55 -4.72 4.20
N THR B 347 23.24 -4.99 4.18
CA THR B 347 22.30 -4.03 3.61
C THR B 347 22.13 -2.80 4.49
N VAL B 348 21.99 -2.99 5.80
CA VAL B 348 22.02 -1.85 6.72
C VAL B 348 23.24 -1.00 6.45
N PHE B 349 24.40 -1.65 6.30
CA PHE B 349 25.63 -0.88 6.08
C PHE B 349 25.61 -0.14 4.75
N LYS B 350 25.05 -0.76 3.71
CA LYS B 350 24.95 -0.09 2.43
C LYS B 350 24.04 1.13 2.53
N ILE B 351 22.94 1.02 3.25
CA ILE B 351 22.03 2.14 3.43
C ILE B 351 22.54 3.30 4.28
N PHE B 352 23.09 2.99 5.45
CA PHE B 352 23.56 4.00 6.41
C PHE B 352 25.02 4.50 6.43
N ASP B 353 25.99 3.71 5.97
CA ASP B 353 27.36 4.17 6.03
C ASP B 353 27.75 5.44 5.27
N VAL B 354 27.33 5.60 4.01
CA VAL B 354 27.70 6.80 3.25
C VAL B 354 29.22 6.88 3.32
N ASP B 355 29.80 5.68 3.29
CA ASP B 355 31.23 5.41 3.45
C ASP B 355 31.84 6.32 4.50
N LYS B 356 31.24 6.31 5.70
CA LYS B 356 31.77 7.04 6.85
C LYS B 356 31.94 6.07 8.03
N ASP B 357 32.91 5.15 7.93
CA ASP B 357 33.77 4.96 6.75
C ASP B 357 34.04 3.48 6.44
N ASP B 358 33.00 2.69 6.14
CA ASP B 358 32.99 1.22 6.21
C ASP B 358 32.74 0.92 7.69
N GLN B 359 32.60 1.97 8.47
CA GLN B 359 32.21 1.91 9.86
C GLN B 359 30.89 2.64 9.99
N LEU B 360 30.06 2.15 10.87
CA LEU B 360 28.76 2.76 11.07
C LEU B 360 28.86 3.65 12.30
N SER B 361 28.04 4.69 12.35
CA SER B 361 28.08 5.62 13.47
C SER B 361 27.06 5.16 14.51
N TYR B 362 27.54 4.84 15.72
CA TYR B 362 26.69 4.13 16.68
C TYR B 362 25.54 5.01 17.14
N LYS B 363 25.82 6.27 17.47
CA LYS B 363 24.77 7.07 18.09
C LYS B 363 23.82 7.64 17.04
N GLU B 364 24.29 7.85 15.81
CA GLU B 364 23.40 8.28 14.75
C GLU B 364 22.38 7.20 14.40
N PHE B 365 22.84 5.96 14.24
CA PHE B 365 21.96 4.86 13.86
C PHE B 365 20.87 4.64 14.89
N ILE B 366 21.27 4.64 16.15
CA ILE B 366 20.29 4.53 17.23
C ILE B 366 19.27 5.64 17.08
N GLY B 367 19.73 6.81 16.61
CA GLY B 367 18.82 7.94 16.38
C GLY B 367 17.78 7.65 15.30
N ILE B 368 18.25 7.25 14.11
CA ILE B 368 17.29 6.92 13.06
C ILE B 368 16.25 5.98 13.65
N MET B 369 16.65 5.10 14.56
CA MET B 369 15.76 4.01 14.89
C MET B 369 14.82 4.29 16.05
N LYS B 370 15.26 5.02 17.10
CA LYS B 370 14.32 5.69 18.00
C LYS B 370 13.18 6.25 17.15
N ASP B 371 13.54 7.12 16.17
CA ASP B 371 12.53 7.77 15.33
C ASP B 371 11.63 6.73 14.70
N ARG B 372 12.24 5.75 14.01
CA ARG B 372 11.45 4.80 13.23
C ARG B 372 10.40 4.14 14.10
N LEU B 373 10.79 3.67 15.29
CA LEU B 373 9.86 2.87 16.09
C LEU B 373 8.76 3.74 16.70
N HIS B 374 9.14 4.86 17.36
CA HIS B 374 8.11 5.69 18.01
C HIS B 374 7.11 6.29 17.02
#